data_4R9F
#
_entry.id   4R9F
#
_cell.length_a   53.715
_cell.length_b   62.238
_cell.length_c   60.025
_cell.angle_alpha   90.00
_cell.angle_beta   116.51
_cell.angle_gamma   90.00
#
_symmetry.space_group_name_H-M   'P 1 21 1'
#
loop_
_entity.id
_entity.type
_entity.pdbx_description
1 polymer MBP1
2 branched beta-D-mannopyranose-(1-4)-beta-D-mannopyranose
3 water water
#
_entity_poly.entity_id   1
_entity_poly.type   'polypeptide(L)'
_entity_poly.pdbx_seq_one_letter_code
;(MSE)SKIFLKGKAIIA(MSE)LLVIAVLAFAGCSGSSTKNSSTNGNKKQVVLTLWYPWAGPDGDAVVSLAKEYSKTHPN
VQIKAQ(MSE)VSGAGIAATQGGGQGKFLSAVAAGNPPDLVLYWGQDALPGLADQGAIIPLDDYLKDVDTSKFFEAAYNA
(MSE)KYKGKIYGLPE(MSE)VNVRVLFWNKDLFKQAGLDPNTPPKTIAELDQ(MSE)AAKLTKTKNGTIEQ(MSE)GFI
PWIGQGVPHV(MSE)AGVFGTSLVDSNGNPILSPDKNPQLLNLLKWEVSYSDKYGA(MSE)NINKFIAG(MSE)SQNSSQ
ANDPFVLGKVA(MSE)(MSE)ISGEWQINANKQYNPKLNFGVGPIPQAPGGKP(MSE)PSL(MSE)DGNTW(MSE)IPKG
SKHPQEA(MSE)DFIKWT(MSE)DPQRIADTADKVYNIAPIVEAAKIQKLNNDPYFKEVLNVAQKGSIYYTPAAKG
(MSE)LSTETAANNAFQAAQYKKSTPEQALKNAQAEAEKSLSQ
;
_entity_poly.pdbx_strand_id   A
#
# COMPACT_ATOMS: atom_id res chain seq x y z
N LYS A 41 4.27 17.43 30.09
CA LYS A 41 2.80 17.50 30.35
C LYS A 41 2.29 16.29 31.13
N GLN A 42 1.06 16.41 31.64
CA GLN A 42 0.43 15.35 32.44
C GLN A 42 0.47 14.01 31.72
N VAL A 43 0.15 14.04 30.42
CA VAL A 43 0.22 12.87 29.56
C VAL A 43 1.17 13.14 28.40
N VAL A 44 2.21 12.31 28.30
CA VAL A 44 3.10 12.33 27.14
C VAL A 44 2.80 11.07 26.33
N LEU A 45 2.20 11.29 25.16
CA LEU A 45 1.72 10.23 24.29
C LEU A 45 2.69 10.04 23.13
N THR A 46 3.27 8.85 23.02
CA THR A 46 4.17 8.54 21.92
C THR A 46 3.41 7.90 20.77
N LEU A 47 3.56 8.49 19.59
CA LEU A 47 2.93 8.01 18.37
C LEU A 47 3.97 7.58 17.34
N TRP A 48 3.77 6.42 16.75
CA TRP A 48 4.57 5.99 15.60
C TRP A 48 3.76 6.12 14.32
N TYR A 49 4.35 6.75 13.31
CA TYR A 49 3.76 6.81 11.98
C TYR A 49 4.77 6.27 10.96
N PRO A 50 4.30 5.80 9.79
CA PRO A 50 5.11 4.85 9.02
C PRO A 50 5.92 5.39 7.83
N TRP A 51 5.83 6.69 7.55
CA TRP A 51 6.55 7.31 6.42
C TRP A 51 6.92 8.74 6.70
N ALA A 52 7.97 9.22 6.04
CA ALA A 52 8.35 10.62 6.11
C ALA A 52 7.66 11.39 4.99
N GLY A 53 8.33 12.41 4.46
CA GLY A 53 7.76 13.22 3.38
C GLY A 53 6.45 13.88 3.74
N PRO A 54 5.67 14.29 2.72
CA PRO A 54 4.39 14.97 2.90
C PRO A 54 3.38 14.25 3.80
N ASP A 55 3.24 12.93 3.64
CA ASP A 55 2.34 12.16 4.50
C ASP A 55 2.78 12.24 5.97
N GLY A 56 4.07 12.10 6.20
CA GLY A 56 4.63 12.25 7.55
C GLY A 56 4.38 13.63 8.11
N ASP A 57 4.58 14.65 7.28
CA ASP A 57 4.35 16.04 7.67
C ASP A 57 2.91 16.28 8.12
N ALA A 58 1.96 15.66 7.41
CA ALA A 58 0.53 15.80 7.73
C ALA A 58 0.22 15.25 9.14
N VAL A 59 0.79 14.09 9.46
CA VAL A 59 0.58 13.46 10.77
C VAL A 59 1.27 14.27 11.88
N VAL A 60 2.50 14.70 11.63
CA VAL A 60 3.23 15.53 12.57
C VAL A 60 2.45 16.81 12.87
N SER A 61 1.90 17.42 11.82
CA SER A 61 1.11 18.64 11.96
C SER A 61 -0.16 18.43 12.80
N LEU A 62 -0.84 17.30 12.59
CA LEU A 62 -2.01 16.95 13.40
C LEU A 62 -1.64 16.80 14.87
N ALA A 63 -0.56 16.06 15.13
CA ALA A 63 -0.08 15.87 16.50
C ALA A 63 0.30 17.21 17.14
N LYS A 64 0.97 18.06 16.38
CA LYS A 64 1.41 19.37 16.86
C LYS A 64 0.24 20.27 17.23
N GLU A 65 -0.77 20.34 16.36
CA GLU A 65 -1.94 21.18 16.61
C GLU A 65 -2.76 20.68 17.81
N TYR A 66 -2.94 19.37 17.90
CA TYR A 66 -3.63 18.79 19.05
C TYR A 66 -2.89 19.14 20.33
N SER A 67 -1.58 18.91 20.34
CA SER A 67 -0.73 19.20 21.51
C SER A 67 -0.81 20.67 21.90
N LYS A 68 -0.71 21.56 20.90
CA LYS A 68 -0.74 23.00 21.14
C LYS A 68 -2.04 23.42 21.83
N THR A 69 -3.15 22.80 21.42
CA THR A 69 -4.47 23.20 21.89
C THR A 69 -4.96 22.42 23.10
N HIS A 70 -4.17 21.47 23.58
CA HIS A 70 -4.53 20.66 24.74
C HIS A 70 -3.45 20.68 25.81
N PRO A 71 -3.64 21.55 26.84
CA PRO A 71 -2.59 21.82 27.85
C PRO A 71 -2.08 20.59 28.60
N ASN A 72 -2.88 19.52 28.65
CA ASN A 72 -2.49 18.35 29.44
C ASN A 72 -2.03 17.12 28.63
N VAL A 73 -1.95 17.28 27.30
CA VAL A 73 -1.47 16.20 26.43
C VAL A 73 -0.40 16.72 25.46
N GLN A 74 0.74 16.03 25.44
CA GLN A 74 1.77 16.22 24.42
C GLN A 74 1.90 14.95 23.62
N ILE A 75 1.98 15.09 22.29
CA ILE A 75 2.20 13.94 21.42
C ILE A 75 3.61 13.98 20.83
N LYS A 76 4.41 12.98 21.17
CA LYS A 76 5.72 12.79 20.59
C LYS A 76 5.54 11.88 19.38
N ALA A 77 5.57 12.48 18.19
CA ALA A 77 5.38 11.74 16.94
C ALA A 77 6.73 11.31 16.39
N GLN A 78 6.87 10.00 16.16
CA GLN A 78 8.13 9.41 15.70
C GLN A 78 7.89 8.62 14.41
N VAL A 80 8.79 5.72 12.27
CA VAL A 80 9.45 4.41 12.19
C VAL A 80 8.87 3.74 10.94
N SER A 81 9.74 3.38 10.00
CA SER A 81 9.29 2.87 8.70
C SER A 81 8.33 1.71 8.85
N GLY A 82 7.17 1.82 8.20
CA GLY A 82 6.13 0.79 8.26
C GLY A 82 5.57 0.57 9.64
N ALA A 83 5.74 1.59 10.51
CA ALA A 83 5.40 1.53 11.93
C ALA A 83 6.09 0.38 12.66
N GLY A 84 7.18 -0.12 12.06
CA GLY A 84 7.91 -1.26 12.59
C GLY A 84 7.14 -2.57 12.45
N ILE A 85 6.03 -2.51 11.71
CA ILE A 85 5.09 -3.62 11.56
C ILE A 85 5.24 -4.33 10.21
N ALA A 86 5.41 -3.55 9.15
CA ALA A 86 5.46 -4.06 7.78
C ALA A 86 6.43 -5.22 7.63
N ALA A 87 6.07 -6.18 6.78
CA ALA A 87 6.95 -7.29 6.45
C ALA A 87 8.26 -6.79 5.86
N THR A 88 9.38 -7.34 6.36
CA THR A 88 10.71 -6.97 5.91
C THR A 88 11.46 -8.20 5.41
N GLN A 89 12.57 -7.97 4.70
CA GLN A 89 13.41 -9.06 4.17
C GLN A 89 14.43 -9.56 5.20
N GLY A 90 14.47 -8.92 6.37
CA GLY A 90 15.37 -9.33 7.45
C GLY A 90 14.94 -10.62 8.12
N GLY A 91 15.71 -11.02 9.13
CA GLY A 91 15.43 -12.26 9.86
C GLY A 91 14.24 -12.16 10.79
N GLY A 92 13.04 -12.17 10.21
CA GLY A 92 11.79 -12.07 10.97
C GLY A 92 11.64 -10.76 11.71
N GLN A 93 12.18 -10.73 12.93
CA GLN A 93 12.22 -9.54 13.80
C GLN A 93 11.00 -8.60 13.71
N GLY A 94 11.25 -7.31 13.52
CA GLY A 94 10.19 -6.30 13.47
C GLY A 94 10.30 -5.36 14.66
N LYS A 95 10.49 -4.07 14.37
CA LYS A 95 10.73 -3.09 15.41
C LYS A 95 9.53 -2.83 16.33
N PHE A 96 8.33 -3.03 15.81
CA PHE A 96 7.12 -2.88 16.63
C PHE A 96 6.99 -4.02 17.65
N LEU A 97 7.09 -5.25 17.19
CA LEU A 97 7.00 -6.40 18.09
C LEU A 97 8.13 -6.41 19.12
N SER A 98 9.31 -5.96 18.71
CA SER A 98 10.42 -5.75 19.61
C SER A 98 10.07 -4.73 20.70
N ALA A 99 9.51 -3.60 20.29
CA ALA A 99 9.10 -2.53 21.22
C ALA A 99 8.04 -3.02 22.21
N VAL A 100 7.10 -3.82 21.72
CA VAL A 100 6.07 -4.41 22.59
C VAL A 100 6.74 -5.31 23.63
N ALA A 101 7.66 -6.17 23.18
CA ALA A 101 8.38 -7.05 24.09
C ALA A 101 9.22 -6.28 25.11
N ALA A 102 9.83 -5.18 24.68
CA ALA A 102 10.68 -4.36 25.55
C ALA A 102 9.88 -3.64 26.64
N GLY A 103 8.57 -3.51 26.45
CA GLY A 103 7.68 -3.03 27.50
C GLY A 103 7.36 -1.55 27.53
N ASN A 104 7.95 -0.79 26.62
CA ASN A 104 7.65 0.64 26.50
C ASN A 104 7.30 1.04 25.07
N PRO A 105 6.35 0.32 24.42
CA PRO A 105 6.02 0.61 23.03
C PRO A 105 5.33 1.98 22.91
N PRO A 106 5.15 2.49 21.69
CA PRO A 106 4.36 3.71 21.52
C PRO A 106 2.95 3.51 22.08
N ASP A 107 2.31 4.61 22.46
CA ASP A 107 0.95 4.55 22.99
C ASP A 107 -0.07 4.37 21.87
N LEU A 108 0.36 4.67 20.64
CA LEU A 108 -0.50 4.63 19.48
C LEU A 108 0.38 4.43 18.24
N VAL A 109 -0.09 3.62 17.30
CA VAL A 109 0.61 3.46 16.02
C VAL A 109 -0.31 3.71 14.83
N LEU A 110 0.26 4.29 13.79
CA LEU A 110 -0.39 4.39 12.50
C LEU A 110 0.34 3.51 11.48
N TYR A 111 -0.35 2.47 11.02
CA TYR A 111 0.22 1.54 10.06
C TYR A 111 -0.38 1.79 8.68
N TRP A 112 0.36 1.44 7.64
CA TRP A 112 0.01 1.84 6.27
C TRP A 112 -0.85 0.83 5.51
N GLY A 113 -1.41 -0.14 6.22
CA GLY A 113 -2.20 -1.18 5.58
C GLY A 113 -3.23 -1.81 6.49
N GLN A 114 -3.92 -2.81 5.95
CA GLN A 114 -4.93 -3.59 6.67
C GLN A 114 -4.55 -5.07 6.76
N ASP A 115 -3.32 -5.40 6.37
CA ASP A 115 -2.88 -6.80 6.32
C ASP A 115 -2.29 -7.34 7.63
N ALA A 116 -1.90 -6.44 8.54
CA ALA A 116 -1.19 -6.83 9.75
C ALA A 116 -2.05 -7.07 10.98
N LEU A 117 -3.22 -6.46 11.00
CA LEU A 117 -4.09 -6.48 12.20
C LEU A 117 -4.38 -7.91 12.74
N PRO A 118 -4.81 -8.86 11.88
CA PRO A 118 -5.13 -10.19 12.42
C PRO A 118 -3.97 -10.84 13.19
N GLY A 119 -2.75 -10.78 12.62
CA GLY A 119 -1.58 -11.35 13.25
C GLY A 119 -1.21 -10.67 14.56
N LEU A 120 -1.27 -9.34 14.57
CA LEU A 120 -0.97 -8.58 15.78
C LEU A 120 -2.00 -8.83 16.88
N ALA A 121 -3.27 -8.92 16.49
CA ALA A 121 -4.35 -9.23 17.42
C ALA A 121 -4.19 -10.64 18.01
N ASP A 122 -3.91 -11.60 17.15
CA ASP A 122 -3.78 -13.00 17.58
C ASP A 122 -2.62 -13.18 18.58
N GLN A 123 -1.56 -12.41 18.38
CA GLN A 123 -0.39 -12.41 19.26
C GLN A 123 -0.65 -11.68 20.58
N GLY A 124 -1.69 -10.85 20.61
CA GLY A 124 -1.95 -9.98 21.75
C GLY A 124 -1.02 -8.78 21.81
N ALA A 125 -0.52 -8.36 20.65
CA ALA A 125 0.43 -7.23 20.57
C ALA A 125 -0.30 -5.88 20.51
N ILE A 126 -1.60 -5.93 20.25
CA ILE A 126 -2.48 -4.75 20.25
C ILE A 126 -3.70 -5.07 21.08
N ILE A 127 -4.29 -4.04 21.70
CA ILE A 127 -5.41 -4.24 22.60
C ILE A 127 -6.75 -4.11 21.87
N PRO A 128 -7.80 -4.83 22.34
CA PRO A 128 -9.12 -4.65 21.75
C PRO A 128 -9.69 -3.29 22.11
N LEU A 129 -10.44 -2.71 21.18
CA LEU A 129 -10.95 -1.36 21.33
C LEU A 129 -12.46 -1.31 21.56
N ASP A 130 -13.07 -2.49 21.73
CA ASP A 130 -14.53 -2.63 21.83
C ASP A 130 -15.17 -1.71 22.86
N ASP A 131 -14.58 -1.62 24.05
CA ASP A 131 -15.15 -0.74 25.06
C ASP A 131 -14.99 0.75 24.75
N TYR A 132 -13.85 1.11 24.15
CA TYR A 132 -13.64 2.49 23.69
C TYR A 132 -14.61 2.87 22.58
N LEU A 133 -15.08 1.87 21.83
CA LEU A 133 -15.87 2.13 20.63
C LEU A 133 -17.36 1.85 20.75
N LYS A 134 -17.79 1.26 21.87
CA LYS A 134 -19.18 0.80 21.95
C LYS A 134 -20.21 1.91 21.70
N ASP A 135 -19.97 3.09 22.26
CA ASP A 135 -20.86 4.25 22.11
C ASP A 135 -20.47 5.17 20.94
N VAL A 136 -19.49 4.73 20.15
CA VAL A 136 -19.08 5.44 18.95
C VAL A 136 -19.91 4.91 17.77
N ASP A 137 -20.50 5.82 17.00
CA ASP A 137 -21.26 5.46 15.81
C ASP A 137 -20.31 5.04 14.69
N THR A 138 -20.04 3.74 14.60
CA THR A 138 -19.08 3.23 13.64
C THR A 138 -19.64 3.06 12.23
N SER A 139 -20.95 3.32 12.07
CA SER A 139 -21.59 3.33 10.76
C SER A 139 -21.09 4.49 9.89
N LYS A 140 -20.43 5.47 10.51
CA LYS A 140 -19.87 6.62 9.80
C LYS A 140 -18.70 6.25 8.90
N PHE A 141 -18.02 5.15 9.24
CA PHE A 141 -16.90 4.64 8.44
C PHE A 141 -17.43 3.90 7.23
N PHE A 142 -16.67 3.93 6.13
CA PHE A 142 -16.92 3.05 5.00
C PHE A 142 -16.94 1.61 5.51
N GLU A 143 -17.97 0.86 5.12
CA GLU A 143 -18.22 -0.48 5.62
C GLU A 143 -17.00 -1.40 5.50
N ALA A 144 -16.40 -1.43 4.31
CA ALA A 144 -15.26 -2.30 4.04
C ALA A 144 -14.06 -1.97 4.93
N ALA A 145 -13.82 -0.67 5.12
CA ALA A 145 -12.73 -0.21 5.98
C ALA A 145 -12.92 -0.67 7.43
N TYR A 146 -14.13 -0.43 7.97
CA TYR A 146 -14.40 -0.82 9.34
C TYR A 146 -14.43 -2.34 9.54
N ASN A 147 -14.95 -3.07 8.54
CA ASN A 147 -15.00 -4.52 8.61
C ASN A 147 -13.62 -5.16 8.77
N ALA A 148 -12.60 -4.52 8.20
CA ALA A 148 -11.23 -5.00 8.29
C ALA A 148 -10.65 -4.89 9.71
N LYS A 150 -12.15 -5.95 12.36
CA LYS A 150 -12.76 -7.04 13.14
C LYS A 150 -11.94 -8.32 13.09
N TYR A 151 -11.65 -8.88 14.25
CA TYR A 151 -10.94 -10.16 14.36
C TYR A 151 -11.40 -10.96 15.57
N LYS A 152 -11.83 -12.19 15.33
CA LYS A 152 -12.32 -13.11 16.37
C LYS A 152 -13.30 -12.45 17.36
N GLY A 153 -14.25 -11.69 16.81
CA GLY A 153 -15.32 -11.11 17.60
C GLY A 153 -14.99 -9.83 18.33
N LYS A 154 -13.78 -9.30 18.11
CA LYS A 154 -13.38 -8.04 18.74
C LYS A 154 -12.93 -7.02 17.69
N ILE A 155 -12.74 -5.78 18.11
CA ILE A 155 -12.28 -4.71 17.23
C ILE A 155 -10.88 -4.28 17.65
N TYR A 156 -9.95 -4.23 16.69
CA TYR A 156 -8.55 -4.00 17.01
C TYR A 156 -7.92 -2.77 16.37
N GLY A 157 -8.71 -1.96 15.68
CA GLY A 157 -8.18 -0.75 15.07
C GLY A 157 -9.26 0.19 14.55
N LEU A 158 -8.83 1.34 14.07
CA LEU A 158 -9.72 2.27 13.37
C LEU A 158 -9.10 2.69 12.03
N PRO A 159 -9.92 2.79 10.97
CA PRO A 159 -9.43 3.23 9.67
C PRO A 159 -9.05 4.71 9.69
N GLU A 160 -7.85 5.02 9.22
CA GLU A 160 -7.36 6.40 9.17
C GLU A 160 -7.52 7.04 7.79
N VAL A 162 -8.61 5.61 3.45
CA VAL A 162 -8.93 4.54 2.51
C VAL A 162 -8.08 4.72 1.26
N ASN A 163 -7.50 3.62 0.77
CA ASN A 163 -6.67 3.64 -0.44
C ASN A 163 -7.15 2.65 -1.48
N VAL A 164 -6.86 2.95 -2.74
CA VAL A 164 -7.09 2.03 -3.86
C VAL A 164 -5.85 2.00 -4.76
N ARG A 165 -5.76 0.99 -5.63
CA ARG A 165 -4.66 0.91 -6.57
C ARG A 165 -5.12 1.25 -7.99
N VAL A 166 -4.26 1.96 -8.72
CA VAL A 166 -4.57 2.47 -10.05
C VAL A 166 -3.35 2.38 -10.97
N LEU A 167 -3.57 2.62 -12.26
CA LEU A 167 -2.51 2.72 -13.24
C LEU A 167 -2.19 4.18 -13.54
N PHE A 168 -0.91 4.51 -13.50
CA PHE A 168 -0.41 5.80 -13.96
C PHE A 168 0.31 5.62 -15.28
N TRP A 169 0.12 6.57 -16.19
CA TRP A 169 0.88 6.56 -17.43
C TRP A 169 1.33 7.97 -17.85
N ASN A 170 2.47 8.01 -18.54
CA ASN A 170 3.08 9.25 -18.99
C ASN A 170 2.61 9.59 -20.40
N LYS A 171 1.80 10.64 -20.50
CA LYS A 171 1.15 11.02 -21.75
C LYS A 171 2.13 11.51 -22.82
N ASP A 172 3.18 12.21 -22.40
CA ASP A 172 4.24 12.65 -23.32
C ASP A 172 4.94 11.46 -23.96
N LEU A 173 5.22 10.45 -23.15
CA LEU A 173 5.89 9.25 -23.66
C LEU A 173 4.98 8.45 -24.58
N PHE A 174 3.68 8.40 -24.26
CA PHE A 174 2.70 7.79 -25.16
C PHE A 174 2.71 8.45 -26.53
N LYS A 175 2.71 9.79 -26.55
CA LYS A 175 2.70 10.54 -27.80
C LYS A 175 3.94 10.27 -28.65
N GLN A 176 5.09 10.09 -27.99
CA GLN A 176 6.33 9.76 -28.68
C GLN A 176 6.29 8.39 -29.34
N ALA A 177 5.44 7.50 -28.84
CA ALA A 177 5.27 6.15 -29.41
C ALA A 177 4.13 6.09 -30.42
N GLY A 178 3.43 7.21 -30.60
CA GLY A 178 2.25 7.24 -31.48
C GLY A 178 1.04 6.55 -30.87
N LEU A 179 1.02 6.45 -29.55
CA LEU A 179 -0.14 5.93 -28.83
C LEU A 179 -1.06 7.08 -28.44
N ASP A 180 -2.36 6.81 -28.43
CA ASP A 180 -3.34 7.77 -27.92
C ASP A 180 -3.06 8.02 -26.44
N PRO A 181 -2.67 9.26 -26.09
CA PRO A 181 -2.31 9.54 -24.69
C PRO A 181 -3.47 9.47 -23.72
N ASN A 182 -4.70 9.44 -24.23
CA ASN A 182 -5.89 9.43 -23.39
C ASN A 182 -6.54 8.05 -23.20
N THR A 183 -5.88 7.02 -23.75
CA THR A 183 -6.40 5.65 -23.67
C THR A 183 -5.36 4.68 -23.09
N PRO A 184 -5.49 4.35 -21.80
CA PRO A 184 -4.58 3.38 -21.18
C PRO A 184 -4.88 1.95 -21.66
N PRO A 185 -3.94 1.02 -21.48
CA PRO A 185 -4.22 -0.38 -21.80
C PRO A 185 -5.34 -0.93 -20.92
N LYS A 186 -6.24 -1.72 -21.53
CA LYS A 186 -7.37 -2.31 -20.82
C LYS A 186 -7.07 -3.74 -20.35
N THR A 187 -6.04 -4.34 -20.93
CA THR A 187 -5.60 -5.69 -20.57
C THR A 187 -4.09 -5.72 -20.38
N ILE A 188 -3.61 -6.73 -19.65
CA ILE A 188 -2.18 -6.95 -19.48
C ILE A 188 -1.50 -7.20 -20.83
N ALA A 189 -2.18 -7.89 -21.74
CA ALA A 189 -1.68 -8.11 -23.10
C ALA A 189 -1.42 -6.78 -23.81
N GLU A 190 -2.40 -5.88 -23.75
CA GLU A 190 -2.23 -4.53 -24.31
C GLU A 190 -1.11 -3.78 -23.61
N LEU A 191 -1.04 -3.90 -22.28
CA LEU A 191 0.02 -3.27 -21.50
C LEU A 191 1.41 -3.74 -21.95
N ASP A 192 1.58 -5.04 -22.11
CA ASP A 192 2.86 -5.61 -22.56
C ASP A 192 3.26 -5.09 -23.93
N GLN A 193 2.30 -5.00 -24.85
CA GLN A 193 2.53 -4.48 -26.20
C GLN A 193 2.98 -3.03 -26.16
N ALA A 195 4.21 -1.46 -23.59
CA ALA A 195 5.46 -1.39 -22.84
C ALA A 195 6.68 -1.55 -23.74
N ALA A 196 6.60 -2.48 -24.68
CA ALA A 196 7.69 -2.69 -25.64
C ALA A 196 7.91 -1.45 -26.49
N LYS A 197 6.81 -0.84 -26.95
CA LYS A 197 6.87 0.38 -27.75
C LYS A 197 7.43 1.57 -26.97
N LEU A 198 7.27 1.53 -25.65
CA LEU A 198 7.68 2.62 -24.76
C LEU A 198 9.04 2.40 -24.11
N THR A 199 9.72 1.32 -24.49
CA THR A 199 11.07 1.04 -23.98
C THR A 199 12.10 1.55 -24.98
N LYS A 200 13.07 2.31 -24.47
CA LYS A 200 14.12 2.90 -25.31
C LYS A 200 15.49 2.40 -24.88
N THR A 201 16.27 1.96 -25.86
CA THR A 201 17.66 1.58 -25.63
C THR A 201 18.58 2.35 -26.56
N LYS A 202 19.77 2.66 -26.09
CA LYS A 202 20.79 3.33 -26.88
C LYS A 202 22.11 2.60 -26.70
N ASN A 203 22.63 2.06 -27.81
CA ASN A 203 23.86 1.27 -27.82
C ASN A 203 23.84 0.14 -26.78
N GLY A 204 22.66 -0.46 -26.58
CA GLY A 204 22.48 -1.55 -25.63
C GLY A 204 22.07 -1.14 -24.23
N THR A 205 22.13 0.15 -23.93
CA THR A 205 21.80 0.67 -22.60
C THR A 205 20.34 1.12 -22.54
N ILE A 206 19.60 0.61 -21.55
CA ILE A 206 18.22 1.03 -21.33
C ILE A 206 18.19 2.49 -20.88
N GLU A 207 17.42 3.31 -21.60
CA GLU A 207 17.26 4.72 -21.27
C GLU A 207 15.87 5.02 -20.71
N GLN A 208 14.91 4.16 -21.06
CA GLN A 208 13.52 4.34 -20.67
C GLN A 208 12.84 2.97 -20.72
N GLY A 210 9.11 0.93 -20.60
CA GLY A 210 7.66 1.06 -20.73
C GLY A 210 6.96 0.75 -19.41
N PHE A 211 7.42 -0.32 -18.75
CA PHE A 211 6.77 -0.85 -17.56
C PHE A 211 7.73 -1.80 -16.85
N ILE A 212 7.71 -1.77 -15.52
CA ILE A 212 8.39 -2.76 -14.72
C ILE A 212 7.35 -3.29 -13.74
N PRO A 213 6.97 -4.58 -13.86
CA PRO A 213 5.83 -5.09 -13.10
C PRO A 213 5.92 -4.92 -11.59
N TRP A 214 7.11 -5.06 -11.02
CA TRP A 214 7.25 -5.18 -9.57
C TRP A 214 7.51 -3.86 -8.82
N ILE A 215 7.63 -2.76 -9.55
CA ILE A 215 7.83 -1.46 -8.89
C ILE A 215 6.51 -0.78 -8.53
N GLY A 216 6.58 0.28 -7.73
CA GLY A 216 5.40 0.97 -7.25
C GLY A 216 4.61 0.06 -6.33
N GLN A 217 3.33 -0.11 -6.63
CA GLN A 217 2.48 -1.02 -5.87
C GLN A 217 2.32 -2.39 -6.54
N GLY A 218 3.21 -2.68 -7.49
CA GLY A 218 3.24 -3.99 -8.15
C GLY A 218 3.85 -5.08 -7.29
N VAL A 219 3.50 -5.09 -6.00
CA VAL A 219 4.02 -6.06 -5.06
C VAL A 219 3.17 -7.34 -5.08
N PRO A 220 3.73 -8.48 -4.62
CA PRO A 220 3.02 -9.76 -4.76
C PRO A 220 1.61 -9.78 -4.15
N HIS A 221 1.44 -9.20 -2.97
CA HIS A 221 0.13 -9.21 -2.28
C HIS A 221 -0.89 -8.26 -2.91
N VAL A 222 -0.46 -7.47 -3.90
CA VAL A 222 -1.36 -6.65 -4.69
C VAL A 222 -1.64 -7.35 -6.02
N ALA A 224 -1.31 -10.46 -6.91
CA ALA A 224 -2.05 -11.73 -6.80
C ALA A 224 -3.54 -11.53 -7.06
N GLY A 225 -4.13 -10.53 -6.41
CA GLY A 225 -5.55 -10.21 -6.58
C GLY A 225 -5.90 -9.71 -7.97
N VAL A 226 -4.99 -8.95 -8.57
CA VAL A 226 -5.16 -8.53 -9.96
C VAL A 226 -5.30 -9.76 -10.86
N PHE A 227 -4.52 -10.79 -10.57
CA PHE A 227 -4.58 -12.05 -11.32
C PHE A 227 -5.65 -13.03 -10.80
N GLY A 228 -6.50 -12.56 -9.90
CA GLY A 228 -7.64 -13.35 -9.42
C GLY A 228 -7.28 -14.49 -8.48
N THR A 229 -6.14 -14.36 -7.81
CA THR A 229 -5.71 -15.33 -6.82
C THR A 229 -5.30 -14.65 -5.52
N SER A 230 -4.72 -15.41 -4.60
CA SER A 230 -4.34 -14.92 -3.28
C SER A 230 -3.09 -15.66 -2.80
N LEU A 231 -2.44 -15.12 -1.78
CA LEU A 231 -1.27 -15.75 -1.18
C LEU A 231 -1.66 -16.80 -0.15
N VAL A 232 -2.90 -16.72 0.35
CA VAL A 232 -3.40 -17.66 1.35
C VAL A 232 -4.76 -18.23 0.93
N ASP A 233 -5.10 -19.39 1.48
CA ASP A 233 -6.40 -20.00 1.21
C ASP A 233 -7.47 -19.50 2.20
N SER A 234 -8.65 -20.12 2.17
CA SER A 234 -9.77 -19.71 3.03
C SER A 234 -9.49 -19.89 4.53
N ASN A 235 -8.56 -20.79 4.87
CA ASN A 235 -8.15 -21.01 6.25
C ASN A 235 -6.96 -20.14 6.69
N GLY A 236 -6.47 -19.33 5.76
CA GLY A 236 -5.34 -18.43 6.03
C GLY A 236 -3.99 -19.09 5.87
N ASN A 237 -3.97 -20.30 5.33
CA ASN A 237 -2.74 -21.04 5.11
C ASN A 237 -2.08 -20.69 3.78
N PRO A 238 -0.74 -20.66 3.73
CA PRO A 238 -0.05 -20.24 2.51
C PRO A 238 -0.29 -21.18 1.34
N ILE A 239 -0.60 -20.60 0.18
CA ILE A 239 -0.69 -21.34 -1.07
C ILE A 239 0.21 -20.66 -2.09
N LEU A 240 1.50 -20.97 -2.00
CA LEU A 240 2.53 -20.30 -2.80
C LEU A 240 3.12 -21.20 -3.89
N SER A 241 3.21 -22.50 -3.61
CA SER A 241 3.82 -23.44 -4.56
C SER A 241 2.99 -23.59 -5.84
N PRO A 242 3.64 -23.90 -6.98
CA PRO A 242 2.93 -24.07 -8.25
C PRO A 242 1.77 -25.08 -8.17
N ASP A 243 1.95 -26.16 -7.42
CA ASP A 243 0.93 -27.21 -7.30
C ASP A 243 -0.23 -26.83 -6.36
N LYS A 244 -0.02 -25.81 -5.53
CA LYS A 244 -1.07 -25.31 -4.65
C LYS A 244 -1.79 -24.09 -5.24
N ASN A 245 -1.11 -23.37 -6.13
CA ASN A 245 -1.64 -22.12 -6.67
C ASN A 245 -1.11 -21.85 -8.08
N PRO A 246 -1.62 -22.57 -9.09
CA PRO A 246 -1.14 -22.39 -10.46
C PRO A 246 -1.19 -20.95 -10.96
N GLN A 247 -2.23 -20.20 -10.57
CA GLN A 247 -2.37 -18.82 -11.04
C GLN A 247 -1.28 -17.90 -10.50
N LEU A 248 -0.78 -18.17 -9.29
CA LEU A 248 0.33 -17.40 -8.75
C LEU A 248 1.60 -17.58 -9.59
N LEU A 249 1.84 -18.82 -10.05
CA LEU A 249 2.94 -19.10 -10.97
C LEU A 249 2.76 -18.34 -12.29
N ASN A 250 1.53 -18.30 -12.80
CA ASN A 250 1.21 -17.53 -14.00
C ASN A 250 1.62 -16.06 -13.84
N LEU A 251 1.25 -15.47 -12.71
CA LEU A 251 1.65 -14.10 -12.38
C LEU A 251 3.18 -13.95 -12.37
N LEU A 252 3.87 -14.84 -11.68
CA LEU A 252 5.32 -14.72 -11.56
C LEU A 252 6.03 -14.90 -12.90
N LYS A 253 5.56 -15.85 -13.70
CA LYS A 253 6.14 -16.06 -15.02
C LYS A 253 5.92 -14.85 -15.92
N TRP A 254 4.75 -14.23 -15.82
CA TRP A 254 4.50 -12.98 -16.55
C TRP A 254 5.48 -11.88 -16.13
N GLU A 255 5.70 -11.73 -14.83
CA GLU A 255 6.68 -10.75 -14.34
C GLU A 255 8.08 -11.04 -14.89
N VAL A 256 8.49 -12.31 -14.79
CA VAL A 256 9.81 -12.74 -15.23
C VAL A 256 10.00 -12.60 -16.74
N SER A 257 8.91 -12.56 -17.50
CA SER A 257 9.00 -12.31 -18.94
C SER A 257 9.67 -10.96 -19.22
N TYR A 258 9.48 -9.99 -18.32
CA TYR A 258 10.18 -8.71 -18.41
C TYR A 258 11.67 -8.85 -18.11
N SER A 259 11.99 -9.62 -17.08
CA SER A 259 13.37 -9.92 -16.71
C SER A 259 14.12 -10.56 -17.88
N ASP A 260 13.47 -11.53 -18.53
CA ASP A 260 14.09 -12.26 -19.64
C ASP A 260 14.20 -11.43 -20.91
N LYS A 261 13.19 -10.61 -21.20
CA LYS A 261 13.16 -9.80 -22.42
C LYS A 261 14.14 -8.62 -22.38
N TYR A 262 14.13 -7.89 -21.27
CA TYR A 262 14.91 -6.66 -21.17
C TYR A 262 16.24 -6.86 -20.43
N GLY A 263 16.36 -7.97 -19.70
CA GLY A 263 17.59 -8.30 -18.99
C GLY A 263 17.52 -7.91 -17.53
N ALA A 264 17.65 -8.91 -16.64
CA ALA A 264 17.52 -8.70 -15.20
C ALA A 264 18.52 -7.68 -14.67
N ASN A 266 20.24 -5.54 -16.48
CA ASN A 266 19.94 -4.29 -17.14
C ASN A 266 18.88 -3.48 -16.38
N ILE A 267 17.78 -4.15 -16.01
CA ILE A 267 16.71 -3.50 -15.26
C ILE A 267 17.21 -2.98 -13.91
N ASN A 268 17.93 -3.82 -13.18
CA ASN A 268 18.47 -3.43 -11.87
C ASN A 268 19.45 -2.25 -11.94
N LYS A 269 20.30 -2.23 -12.96
CA LYS A 269 21.21 -1.11 -13.17
C LYS A 269 20.42 0.16 -13.52
N PHE A 270 19.39 0.00 -14.33
CA PHE A 270 18.56 1.13 -14.75
C PHE A 270 17.85 1.83 -13.58
N ILE A 271 17.33 1.06 -12.64
CA ILE A 271 16.57 1.62 -11.52
C ILE A 271 17.37 1.76 -10.22
N ALA A 272 18.67 1.52 -10.29
CA ALA A 272 19.56 1.70 -9.14
C ALA A 272 19.44 3.11 -8.58
N GLY A 273 19.29 3.22 -7.26
CA GLY A 273 19.15 4.51 -6.60
C GLY A 273 17.73 5.02 -6.50
N SER A 275 13.61 4.97 -5.86
CA SER A 275 12.70 4.40 -4.87
C SER A 275 11.77 3.41 -5.55
N GLN A 276 11.97 2.13 -5.25
CA GLN A 276 11.31 1.06 -6.01
C GLN A 276 9.85 0.81 -5.64
N ASN A 277 9.50 0.94 -4.36
CA ASN A 277 8.16 0.57 -3.90
C ASN A 277 7.52 1.58 -2.94
N SER A 278 7.88 2.85 -3.10
CA SER A 278 7.22 3.93 -2.40
C SER A 278 7.28 5.23 -3.21
N SER A 279 6.24 6.04 -3.09
CA SER A 279 6.11 7.29 -3.84
C SER A 279 7.09 8.31 -3.28
N GLN A 280 8.00 8.76 -4.14
CA GLN A 280 9.08 9.67 -3.73
C GLN A 280 9.47 10.55 -4.90
N ALA A 281 10.25 11.59 -4.62
CA ALA A 281 10.82 12.43 -5.67
C ALA A 281 11.66 11.61 -6.65
N ASN A 282 12.22 10.51 -6.15
CA ASN A 282 13.07 9.64 -6.97
C ASN A 282 12.45 8.27 -7.31
N ASP A 283 11.13 8.18 -7.32
CA ASP A 283 10.53 6.94 -7.84
C ASP A 283 10.55 6.99 -9.37
N PRO A 284 10.57 5.83 -10.04
CA PRO A 284 10.81 5.81 -11.48
C PRO A 284 9.76 6.52 -12.34
N PHE A 285 8.52 6.63 -11.85
CA PHE A 285 7.49 7.35 -12.59
C PHE A 285 7.66 8.87 -12.46
N VAL A 286 7.88 9.34 -11.24
CA VAL A 286 8.12 10.77 -10.99
C VAL A 286 9.33 11.27 -11.80
N LEU A 287 10.35 10.42 -11.93
CA LEU A 287 11.56 10.75 -12.67
C LEU A 287 11.37 10.72 -14.20
N GLY A 288 10.23 10.22 -14.65
CA GLY A 288 9.95 10.11 -16.08
C GLY A 288 10.73 9.00 -16.75
N LYS A 289 11.15 8.01 -15.97
CA LYS A 289 12.01 6.93 -16.47
C LYS A 289 11.22 5.67 -16.84
N VAL A 290 10.05 5.49 -16.24
CA VAL A 290 9.11 4.44 -16.64
C VAL A 290 7.82 5.08 -17.13
N ALA A 291 7.29 4.59 -18.25
CA ALA A 291 6.14 5.20 -18.89
C ALA A 291 4.82 4.86 -18.21
N ILE A 294 1.98 0.86 -11.80
CA ILE A 294 0.87 0.62 -10.89
C ILE A 294 1.26 1.19 -9.52
N SER A 295 0.39 2.02 -8.97
CA SER A 295 0.62 2.62 -7.67
C SER A 295 -0.68 2.88 -6.94
N GLY A 296 -0.59 3.54 -5.79
CA GLY A 296 -1.78 3.96 -5.06
C GLY A 296 -2.27 5.30 -5.58
N GLU A 297 -3.49 5.66 -5.19
CA GLU A 297 -4.06 6.94 -5.59
C GLU A 297 -3.23 8.12 -5.08
N TRP A 298 -2.55 7.90 -3.96
CA TRP A 298 -1.70 8.89 -3.32
C TRP A 298 -0.55 9.37 -4.23
N GLN A 299 -0.19 8.55 -5.22
CA GLN A 299 0.92 8.86 -6.13
C GLN A 299 0.74 10.19 -6.86
N ILE A 300 -0.52 10.61 -7.03
CA ILE A 300 -0.84 11.91 -7.62
C ILE A 300 -0.06 13.02 -6.89
N ASN A 301 -0.01 12.92 -5.57
CA ASN A 301 0.69 13.90 -4.72
C ASN A 301 2.17 14.05 -5.07
N ALA A 302 2.88 12.92 -5.12
CA ALA A 302 4.30 12.90 -5.46
C ALA A 302 4.55 13.42 -6.88
N ASN A 303 3.72 12.99 -7.81
CA ASN A 303 3.81 13.46 -9.20
C ASN A 303 3.76 14.98 -9.30
N LYS A 304 2.75 15.57 -8.67
CA LYS A 304 2.50 17.01 -8.73
C LYS A 304 3.60 17.82 -8.04
N GLN A 305 3.99 17.40 -6.85
CA GLN A 305 4.95 18.15 -6.05
C GLN A 305 6.36 18.13 -6.65
N TYR A 306 6.79 16.95 -7.07
CA TYR A 306 8.19 16.75 -7.46
C TYR A 306 8.47 16.84 -8.96
N ASN A 307 7.42 16.75 -9.77
CA ASN A 307 7.56 16.93 -11.22
C ASN A 307 6.32 17.61 -11.80
N PRO A 308 6.17 18.93 -11.56
CA PRO A 308 5.01 19.68 -12.06
C PRO A 308 4.82 19.60 -13.59
N LYS A 309 5.89 19.38 -14.33
CA LYS A 309 5.81 19.26 -15.79
C LYS A 309 5.34 17.89 -16.28
N LEU A 310 5.34 16.90 -15.38
CA LEU A 310 4.91 15.54 -15.71
C LEU A 310 3.44 15.52 -16.15
N ASN A 311 3.23 15.15 -17.40
CA ASN A 311 1.91 15.04 -17.99
C ASN A 311 1.45 13.58 -17.88
N PHE A 312 0.56 13.31 -16.92
CA PHE A 312 0.18 11.93 -16.63
C PHE A 312 -1.32 11.69 -16.62
N GLY A 313 -1.68 10.43 -16.89
CA GLY A 313 -3.04 9.94 -16.74
C GLY A 313 -3.15 9.00 -15.55
N VAL A 314 -4.37 8.88 -15.02
CA VAL A 314 -4.68 7.95 -13.95
C VAL A 314 -5.90 7.16 -14.41
N GLY A 315 -5.86 5.85 -14.22
CA GLY A 315 -6.97 5.00 -14.64
C GLY A 315 -6.94 3.63 -14.01
N PRO A 316 -7.87 2.75 -14.41
CA PRO A 316 -7.91 1.41 -13.84
C PRO A 316 -6.71 0.56 -14.25
N ILE A 317 -6.29 -0.34 -13.35
CA ILE A 317 -5.30 -1.36 -13.66
C ILE A 317 -5.85 -2.24 -14.79
N PRO A 318 -5.00 -2.58 -15.78
CA PRO A 318 -5.46 -3.46 -16.86
C PRO A 318 -5.84 -4.85 -16.36
N GLN A 319 -6.80 -5.47 -17.03
CA GLN A 319 -7.30 -6.80 -16.66
C GLN A 319 -6.27 -7.88 -16.97
N ALA A 320 -6.05 -8.77 -16.00
CA ALA A 320 -5.16 -9.91 -16.14
C ALA A 320 -5.95 -11.14 -16.61
N PRO A 321 -5.27 -12.08 -17.29
CA PRO A 321 -5.93 -13.33 -17.63
C PRO A 321 -6.24 -14.10 -16.35
N GLY A 322 -7.52 -14.37 -16.12
CA GLY A 322 -7.97 -15.00 -14.88
C GLY A 322 -8.44 -14.01 -13.83
N GLY A 323 -8.22 -12.72 -14.09
CA GLY A 323 -8.65 -11.66 -13.19
C GLY A 323 -9.89 -10.95 -13.69
N LYS A 324 -10.46 -10.12 -12.82
CA LYS A 324 -11.68 -9.36 -13.15
C LYS A 324 -11.33 -8.04 -13.86
N PRO A 325 -12.28 -7.47 -14.62
CA PRO A 325 -12.01 -6.19 -15.27
C PRO A 325 -11.77 -5.08 -14.25
N PRO A 327 -9.42 -4.26 -12.01
CA PRO A 327 -9.24 -4.70 -10.63
C PRO A 327 -8.60 -3.62 -9.76
N SER A 328 -8.99 -3.57 -8.50
CA SER A 328 -8.34 -2.67 -7.55
C SER A 328 -8.43 -3.23 -6.14
N LEU A 329 -7.28 -3.25 -5.46
CA LEU A 329 -7.25 -3.53 -4.04
C LEU A 329 -7.69 -2.28 -3.28
N ASP A 331 -7.85 -0.87 0.41
CA ASP A 331 -7.36 -1.04 1.77
C ASP A 331 -7.32 0.32 2.45
N GLY A 332 -6.35 0.53 3.32
CA GLY A 332 -6.21 1.81 3.99
C GLY A 332 -5.24 1.77 5.14
N ASN A 333 -5.05 2.94 5.76
CA ASN A 333 -4.22 3.06 6.94
C ASN A 333 -5.00 2.72 8.20
N THR A 334 -4.32 2.25 9.22
CA THR A 334 -4.97 1.76 10.44
C THR A 334 -4.31 2.28 11.71
N TRP A 335 -5.12 2.89 12.58
CA TRP A 335 -4.72 3.22 13.95
C TRP A 335 -4.83 1.97 14.82
N ILE A 337 -3.74 0.47 19.00
CA ILE A 337 -3.19 0.75 20.32
C ILE A 337 -2.40 -0.46 20.81
N PRO A 338 -1.06 -0.32 20.92
CA PRO A 338 -0.20 -1.43 21.31
C PRO A 338 -0.45 -1.92 22.73
N LYS A 339 -0.27 -3.23 22.94
CA LYS A 339 -0.23 -3.78 24.27
C LYS A 339 1.01 -3.21 24.96
N GLY A 340 0.78 -2.47 26.04
CA GLY A 340 1.85 -1.74 26.69
C GLY A 340 1.68 -0.24 26.60
N SER A 341 0.69 0.21 25.81
CA SER A 341 0.31 1.61 25.77
C SER A 341 -0.02 2.10 27.18
N LYS A 342 0.61 3.21 27.57
CA LYS A 342 0.40 3.79 28.89
C LYS A 342 -0.84 4.68 28.93
N HIS A 343 -1.25 5.15 27.76
CA HIS A 343 -2.30 6.17 27.67
C HIS A 343 -3.34 5.83 26.58
N PRO A 344 -4.05 4.69 26.73
CA PRO A 344 -4.99 4.31 25.67
C PRO A 344 -6.16 5.28 25.50
N GLN A 345 -6.72 5.81 26.60
CA GLN A 345 -7.83 6.75 26.51
C GLN A 345 -7.42 8.03 25.77
N GLU A 346 -6.26 8.56 26.12
CA GLU A 346 -5.75 9.78 25.50
C GLU A 346 -5.44 9.55 24.02
N ALA A 347 -4.95 8.35 23.70
CA ALA A 347 -4.75 7.95 22.31
C ALA A 347 -6.06 7.96 21.54
N ASP A 349 -8.76 9.60 22.38
CA ASP A 349 -9.22 10.99 22.31
C ASP A 349 -8.57 11.75 21.15
N PHE A 350 -7.27 11.51 20.94
CA PHE A 350 -6.57 12.11 19.80
C PHE A 350 -7.13 11.60 18.46
N ILE A 351 -7.31 10.29 18.36
CA ILE A 351 -7.90 9.70 17.14
C ILE A 351 -9.25 10.35 16.84
N LYS A 352 -10.12 10.43 17.85
CA LYS A 352 -11.43 11.06 17.70
C LYS A 352 -11.31 12.46 17.11
N TRP A 353 -10.38 13.24 17.67
CA TRP A 353 -10.13 14.61 17.20
C TRP A 353 -9.69 14.64 15.72
N THR A 354 -8.82 13.70 15.32
CA THR A 354 -8.39 13.63 13.92
C THR A 354 -9.55 13.27 12.97
N ASP A 356 -12.70 14.36 13.11
CA ASP A 356 -13.64 15.45 12.82
C ASP A 356 -13.81 15.52 11.31
N PRO A 357 -15.07 15.50 10.82
CA PRO A 357 -15.29 15.40 9.36
C PRO A 357 -14.52 16.42 8.52
N GLN A 358 -14.56 17.70 8.90
CA GLN A 358 -13.81 18.72 8.13
C GLN A 358 -12.30 18.52 8.23
N ARG A 359 -11.83 18.22 9.44
CA ARG A 359 -10.40 17.98 9.67
C ARG A 359 -9.86 16.84 8.81
N ILE A 360 -10.55 15.70 8.84
CA ILE A 360 -10.08 14.52 8.11
C ILE A 360 -10.24 14.66 6.59
N ALA A 361 -11.27 15.39 6.17
CA ALA A 361 -11.41 15.77 4.76
C ALA A 361 -10.21 16.60 4.30
N ASP A 362 -9.81 17.56 5.14
CA ASP A 362 -8.63 18.39 4.85
C ASP A 362 -7.34 17.56 4.83
N THR A 363 -7.19 16.66 5.79
CA THR A 363 -6.02 15.77 5.81
C THR A 363 -5.98 14.91 4.55
N ALA A 364 -7.11 14.31 4.20
CA ALA A 364 -7.23 13.46 3.02
C ALA A 364 -6.89 14.21 1.74
N ASP A 365 -7.35 15.45 1.62
CA ASP A 365 -7.03 16.30 0.48
C ASP A 365 -5.52 16.59 0.39
N LYS A 366 -4.91 16.83 1.54
CA LYS A 366 -3.48 17.14 1.62
C LYS A 366 -2.62 15.99 1.09
N VAL A 367 -3.00 14.76 1.42
CA VAL A 367 -2.20 13.58 1.06
C VAL A 367 -2.73 12.78 -0.14
N TYR A 368 -3.81 13.27 -0.75
CA TYR A 368 -4.46 12.57 -1.86
C TYR A 368 -4.85 11.12 -1.49
N ASN A 369 -5.55 11.00 -0.37
CA ASN A 369 -6.18 9.74 0.03
C ASN A 369 -7.68 9.95 0.10
N ILE A 370 -8.43 8.86 0.26
CA ILE A 370 -9.87 8.93 0.48
C ILE A 370 -10.13 8.91 1.98
N ALA A 371 -10.84 9.92 2.47
CA ALA A 371 -11.21 9.97 3.89
C ALA A 371 -12.02 8.72 4.27
N PRO A 372 -11.78 8.18 5.47
CA PRO A 372 -12.39 6.90 5.87
C PRO A 372 -13.82 7.05 6.39
N ILE A 373 -14.24 8.29 6.59
CA ILE A 373 -15.59 8.62 7.04
C ILE A 373 -16.38 9.11 5.84
N VAL A 374 -17.54 8.52 5.61
CA VAL A 374 -18.36 8.79 4.41
C VAL A 374 -18.67 10.28 4.24
N GLU A 375 -19.11 10.92 5.32
CA GLU A 375 -19.40 12.36 5.33
C GLU A 375 -18.20 13.21 4.90
N ALA A 376 -17.02 12.82 5.37
CA ALA A 376 -15.79 13.53 5.06
C ALA A 376 -15.36 13.35 3.60
N ALA A 377 -15.45 12.13 3.10
CA ALA A 377 -15.12 11.83 1.70
C ALA A 377 -15.97 12.65 0.74
N LYS A 378 -17.24 12.85 1.09
CA LYS A 378 -18.17 13.58 0.23
C LYS A 378 -17.86 15.09 0.12
N ILE A 379 -17.22 15.65 1.15
CA ILE A 379 -16.91 17.08 1.16
C ILE A 379 -15.47 17.42 0.77
N GLN A 380 -14.65 16.39 0.55
CA GLN A 380 -13.27 16.59 0.11
C GLN A 380 -13.20 17.50 -1.11
N LYS A 381 -12.26 18.45 -1.09
CA LYS A 381 -12.05 19.35 -2.24
C LYS A 381 -11.53 18.60 -3.45
N LEU A 382 -10.86 17.47 -3.22
CA LEU A 382 -10.33 16.65 -4.32
C LEU A 382 -11.43 16.02 -5.19
N ASN A 383 -12.69 16.11 -4.73
CA ASN A 383 -13.83 15.70 -5.53
C ASN A 383 -13.90 16.45 -6.87
N ASN A 384 -13.26 17.62 -6.92
CA ASN A 384 -13.22 18.43 -8.14
C ASN A 384 -11.87 18.41 -8.86
N ASP A 385 -10.96 17.58 -8.37
CA ASP A 385 -9.64 17.41 -8.98
C ASP A 385 -9.71 16.40 -10.12
N PRO A 386 -9.13 16.74 -11.30
CA PRO A 386 -9.26 15.86 -12.48
C PRO A 386 -8.68 14.47 -12.28
N TYR A 387 -7.53 14.37 -11.62
CA TYR A 387 -6.91 13.08 -11.36
C TYR A 387 -7.68 12.27 -10.33
N PHE A 388 -8.14 12.94 -9.27
CA PHE A 388 -8.84 12.26 -8.18
C PHE A 388 -10.22 11.76 -8.59
N LYS A 389 -10.85 12.43 -9.56
CA LYS A 389 -12.12 11.94 -10.10
C LYS A 389 -11.96 10.57 -10.76
N GLU A 390 -10.81 10.33 -11.39
CA GLU A 390 -10.50 9.01 -11.94
C GLU A 390 -10.34 7.97 -10.84
N VAL A 391 -9.74 8.39 -9.72
CA VAL A 391 -9.59 7.54 -8.54
C VAL A 391 -10.95 7.14 -7.97
N LEU A 392 -11.84 8.12 -7.85
CA LEU A 392 -13.16 7.87 -7.29
C LEU A 392 -13.99 6.95 -8.20
N ASN A 393 -13.78 7.04 -9.52
CA ASN A 393 -14.44 6.14 -10.44
C ASN A 393 -13.96 4.70 -10.29
N VAL A 394 -12.67 4.52 -10.02
CA VAL A 394 -12.10 3.21 -9.70
C VAL A 394 -12.77 2.64 -8.45
N ALA A 395 -12.88 3.46 -7.40
CA ALA A 395 -13.50 3.04 -6.15
C ALA A 395 -14.97 2.66 -6.33
N GLN A 396 -15.67 3.37 -7.23
CA GLN A 396 -17.10 3.18 -7.46
C GLN A 396 -17.44 2.10 -8.48
N LYS A 397 -16.57 1.91 -9.48
CA LYS A 397 -16.89 1.06 -10.64
C LYS A 397 -15.93 -0.10 -10.88
N GLY A 398 -14.76 -0.06 -10.23
CA GLY A 398 -13.77 -1.13 -10.39
C GLY A 398 -14.18 -2.43 -9.73
N SER A 399 -13.50 -3.52 -10.10
CA SER A 399 -13.70 -4.81 -9.45
C SER A 399 -12.83 -4.85 -8.19
N ILE A 400 -13.46 -4.54 -7.06
CA ILE A 400 -12.75 -4.35 -5.81
C ILE A 400 -12.46 -5.70 -5.14
N TYR A 401 -11.22 -5.86 -4.68
CA TYR A 401 -10.86 -7.01 -3.86
C TYR A 401 -10.14 -6.51 -2.59
N TYR A 402 -10.07 -7.37 -1.59
CA TYR A 402 -9.50 -7.01 -0.30
C TYR A 402 -8.42 -8.00 0.10
N THR A 403 -7.46 -7.56 0.90
CA THR A 403 -6.46 -8.48 1.43
C THR A 403 -7.16 -9.46 2.37
N PRO A 404 -6.89 -10.77 2.21
CA PRO A 404 -7.49 -11.73 3.13
C PRO A 404 -7.02 -11.49 4.57
N ALA A 405 -7.88 -11.79 5.52
CA ALA A 405 -7.54 -11.68 6.93
C ALA A 405 -6.95 -12.99 7.42
N ALA A 406 -5.64 -12.99 7.66
CA ALA A 406 -4.93 -14.19 8.07
C ALA A 406 -3.85 -13.83 9.07
N LYS A 407 -3.79 -14.55 10.19
CA LYS A 407 -2.80 -14.28 11.24
C LYS A 407 -1.36 -14.43 10.76
N GLY A 408 -1.13 -15.28 9.76
CA GLY A 408 0.20 -15.49 9.22
C GLY A 408 0.51 -14.72 7.94
N LEU A 410 1.74 -11.73 7.17
CA LEU A 410 3.01 -11.03 6.99
C LEU A 410 4.19 -11.97 6.72
N SER A 411 4.22 -13.12 7.40
CA SER A 411 5.26 -14.11 7.13
C SER A 411 5.08 -14.75 5.75
N THR A 412 3.82 -14.91 5.33
CA THR A 412 3.53 -15.42 3.99
C THR A 412 3.94 -14.40 2.93
N GLU A 413 3.70 -13.11 3.21
CA GLU A 413 4.17 -12.03 2.35
C GLU A 413 5.68 -12.05 2.17
N THR A 414 6.41 -12.21 3.27
CA THR A 414 7.87 -12.25 3.24
C THR A 414 8.36 -13.40 2.34
N ALA A 415 7.75 -14.57 2.50
CA ALA A 415 8.10 -15.73 1.68
C ALA A 415 7.82 -15.48 0.20
N ALA A 416 6.65 -14.91 -0.10
CA ALA A 416 6.29 -14.57 -1.48
C ALA A 416 7.21 -13.49 -2.05
N ASN A 417 7.48 -12.45 -1.26
CA ASN A 417 8.38 -11.37 -1.66
C ASN A 417 9.76 -11.88 -2.05
N ASN A 418 10.31 -12.75 -1.19
CA ASN A 418 11.63 -13.33 -1.43
C ASN A 418 11.67 -14.18 -2.69
N ALA A 419 10.62 -14.96 -2.92
CA ALA A 419 10.51 -15.79 -4.11
C ALA A 419 10.42 -14.96 -5.39
N PHE A 420 9.56 -13.94 -5.38
CA PHE A 420 9.41 -13.07 -6.54
C PHE A 420 10.74 -12.38 -6.88
N GLN A 421 11.43 -11.88 -5.85
CA GLN A 421 12.74 -11.25 -6.04
C GLN A 421 13.77 -12.23 -6.59
N ALA A 422 13.82 -13.43 -6.01
CA ALA A 422 14.75 -14.48 -6.47
C ALA A 422 14.55 -14.78 -7.96
N ALA A 423 13.29 -14.93 -8.37
CA ALA A 423 12.97 -15.21 -9.76
C ALA A 423 13.30 -14.04 -10.69
N GLN A 424 12.99 -12.82 -10.25
CA GLN A 424 13.32 -11.61 -11.00
C GLN A 424 14.84 -11.47 -11.18
N TYR A 425 15.58 -11.80 -10.14
CA TYR A 425 17.05 -11.76 -10.17
C TYR A 425 17.69 -12.98 -10.83
N LYS A 426 16.86 -13.90 -11.31
CA LYS A 426 17.31 -15.12 -12.00
C LYS A 426 18.14 -16.06 -11.12
N LYS A 427 17.97 -15.93 -9.81
CA LYS A 427 18.65 -16.80 -8.85
C LYS A 427 17.98 -18.17 -8.78
N SER A 428 16.70 -18.21 -9.13
CA SER A 428 15.92 -19.43 -9.23
C SER A 428 14.93 -19.29 -10.37
N THR A 429 14.46 -20.41 -10.90
CA THR A 429 13.32 -20.42 -11.82
C THR A 429 12.08 -19.98 -11.03
N PRO A 430 11.06 -19.42 -11.72
CA PRO A 430 9.82 -19.08 -11.01
C PRO A 430 9.23 -20.29 -10.26
N GLU A 431 9.29 -21.46 -10.89
CA GLU A 431 8.77 -22.70 -10.32
C GLU A 431 9.48 -23.06 -9.02
N GLN A 432 10.80 -23.10 -9.05
CA GLN A 432 11.59 -23.47 -7.88
C GLN A 432 11.52 -22.40 -6.78
N ALA A 433 11.49 -21.13 -7.18
CA ALA A 433 11.34 -20.02 -6.23
C ALA A 433 10.07 -20.18 -5.40
N LEU A 434 8.96 -20.50 -6.07
CA LEU A 434 7.68 -20.64 -5.40
C LEU A 434 7.56 -21.92 -4.57
N LYS A 435 8.21 -23.00 -5.02
CA LYS A 435 8.32 -24.21 -4.20
C LYS A 435 9.07 -23.91 -2.90
N ASN A 436 10.20 -23.20 -3.03
CA ASN A 436 10.97 -22.78 -1.86
C ASN A 436 10.16 -21.88 -0.93
N ALA A 437 9.38 -20.97 -1.52
CA ALA A 437 8.53 -20.05 -0.76
C ALA A 437 7.49 -20.78 0.09
N GLN A 438 6.91 -21.85 -0.46
CA GLN A 438 5.94 -22.66 0.28
C GLN A 438 6.56 -23.23 1.56
N ALA A 439 7.75 -23.81 1.41
CA ALA A 439 8.49 -24.38 2.54
C ALA A 439 8.82 -23.32 3.60
N GLU A 440 9.22 -22.14 3.14
CA GLU A 440 9.57 -21.05 4.06
C GLU A 440 8.33 -20.53 4.80
N ALA A 441 7.24 -20.35 4.06
CA ALA A 441 5.98 -19.85 4.62
C ALA A 441 5.39 -20.81 5.67
N GLU A 442 5.52 -22.11 5.42
CA GLU A 442 5.02 -23.12 6.35
C GLU A 442 5.89 -23.21 7.60
#